data_4UP9
#
_entry.id   4UP9
#
_cell.length_a   155.551
_cell.length_b   155.551
_cell.length_c   92.926
_cell.angle_alpha   90.00
_cell.angle_beta   90.00
_cell.angle_gamma   120.00
#
_symmetry.space_group_name_H-M   'P 62'
#
loop_
_entity.id
_entity.type
_entity.pdbx_description
1 polymer 'LYSINE--TRNA LIGASE'
2 non-polymer "ADENOSINE-5'-TRIPHOSPHATE"
#
_entity_poly.entity_id   1
_entity_poly.type   'polypeptide(L)'
_entity_poly.pdbx_seq_one_letter_code
;MHHHHHHMLSKQLFLNRCKDVEEYQKAGHNPWPHKFNVSITVPEFIAKYSGLEKSQVSDDIVSVAGRVLSKRSSSSALMF
IDLHDSQTKLQIMLNKSAYENKEDFVSLTKMIYRGDICGFTGHPTRTKTGELSLIPISGMILSPCLHMLPSMHYGLGDQE
TRFRKRYLDLIVNPESVKNFVLRTKVVKAVRKYLDDKGFLEVETPILNTIPGGATARPFITHHNQLDIQMYMRIAPELYL
KELVVGGINRVYEIGRLFRNEGIDQTHNPEFTTCEFYMAYADYNDIMKMTEELLGNMVKDITGGSTKLEIKDRLMDINNE
EDIKMLEKFFKEPIPRPFNSAECSKVIEKHCTELNYYYDGNNEKAMKKLFADFVTEKKMVLDFTAPFKRISYVHALEEKF
GEKIPRPLDGPEALTFLKKQAIRFNAICAEPQTTARVMDKLFGDLIEVDLVQPTFVCDQPQLMSPLAKYHRSEPELTERF
ELFILKREIANAYTELNNPIVQRSNFEQQAKDKAAGDDEAQLVDEVFLDAIEHAFPPTGGWGLGIDRLAMLLADVDNIKE
VILFPTMRPEDELEKKAREAKEDAMVAQEKAATEEKGGKKVVKPKANKQQPVKEVLDGFQLEIRVGKIVEAGPHPNSEHL
LALKVDVGEEKPRSVVAGLAEHYKPEELLNQKATFVCNLKPSKLRGVASEAMILAATSLDGTKVKFCHPSADAAIGAQVI
PKEGKVTISAKKISIDVVGKMNLALKGGLVRTNDVPLIVKDTELTVTVDEVIDGTVR
;
_entity_poly.pdbx_strand_id   A
#
loop_
_chem_comp.id
_chem_comp.type
_chem_comp.name
_chem_comp.formula
ATP non-polymer ADENOSINE-5'-TRIPHOSPHATE 'C10 H16 N5 O13 P3'
#
# COMPACT_ATOMS: atom_id res chain seq x y z
N HIS A 5 -27.56 -2.68 -30.20
CA HIS A 5 -26.51 -1.70 -30.46
C HIS A 5 -25.76 -1.38 -29.18
N HIS A 6 -24.56 -1.96 -29.07
CA HIS A 6 -23.76 -1.93 -27.85
C HIS A 6 -23.52 -0.51 -27.33
N HIS A 7 -23.38 -0.41 -26.00
CA HIS A 7 -23.39 0.83 -25.23
C HIS A 7 -23.83 2.07 -25.98
N MET A 8 -25.12 2.11 -26.25
CA MET A 8 -25.77 3.08 -27.12
C MET A 8 -25.89 4.46 -26.51
N LEU A 9 -26.20 4.51 -25.21
CA LEU A 9 -26.54 5.77 -24.56
C LEU A 9 -25.31 6.56 -24.09
N SER A 10 -24.24 5.87 -23.70
CA SER A 10 -23.06 6.56 -23.19
C SER A 10 -22.21 7.11 -24.33
N LYS A 11 -22.29 6.48 -25.49
CA LYS A 11 -21.71 7.02 -26.71
C LYS A 11 -22.45 8.30 -27.07
N GLN A 12 -23.78 8.23 -27.01
CA GLN A 12 -24.68 9.35 -27.27
C GLN A 12 -24.38 10.52 -26.35
N LEU A 13 -24.15 10.19 -25.08
CA LEU A 13 -23.87 11.17 -24.04
C LEU A 13 -22.50 11.79 -24.22
N PHE A 14 -21.53 10.98 -24.63
CA PHE A 14 -20.21 11.51 -24.89
C PHE A 14 -20.24 12.48 -26.06
N LEU A 15 -20.90 12.07 -27.14
CA LEU A 15 -20.97 12.91 -28.33
C LEU A 15 -21.69 14.21 -28.02
N ASN A 16 -22.87 14.12 -27.41
CA ASN A 16 -23.65 15.30 -27.05
C ASN A 16 -22.91 16.19 -26.05
N ARG A 17 -22.05 15.58 -25.24
CA ARG A 17 -21.27 16.34 -24.27
C ARG A 17 -20.16 17.12 -24.97
N CYS A 18 -19.48 16.48 -25.91
CA CYS A 18 -18.48 17.15 -26.72
C CYS A 18 -19.11 18.32 -27.48
N LYS A 19 -20.28 18.06 -28.07
CA LYS A 19 -21.06 19.11 -28.72
C LYS A 19 -21.27 20.28 -27.76
N ASP A 20 -21.99 20.03 -26.67
CA ASP A 20 -22.19 21.02 -25.61
C ASP A 20 -20.93 21.86 -25.34
N VAL A 21 -19.80 21.17 -25.22
CA VAL A 21 -18.55 21.86 -24.90
C VAL A 21 -18.08 22.79 -26.02
N GLU A 22 -18.03 22.30 -27.26
CA GLU A 22 -17.52 23.15 -28.34
C GLU A 22 -18.47 24.31 -28.66
N GLU A 23 -19.78 24.08 -28.57
CA GLU A 23 -20.71 25.19 -28.74
C GLU A 23 -20.57 26.17 -27.58
N TYR A 24 -20.16 25.66 -26.43
CA TYR A 24 -19.89 26.52 -25.28
C TYR A 24 -18.59 27.29 -25.51
N GLN A 25 -17.78 26.80 -26.44
CA GLN A 25 -16.50 27.44 -26.74
C GLN A 25 -16.65 28.53 -27.81
N LYS A 26 -17.50 28.31 -28.82
CA LYS A 26 -17.84 29.40 -29.71
C LYS A 26 -18.53 30.50 -28.90
N ALA A 27 -19.51 30.10 -28.09
CA ALA A 27 -20.25 31.02 -27.22
C ALA A 27 -19.37 32.08 -26.54
N GLY A 28 -18.06 31.82 -26.50
CA GLY A 28 -17.09 32.79 -26.03
C GLY A 28 -16.32 32.30 -24.82
N HIS A 29 -16.57 31.05 -24.42
CA HIS A 29 -16.04 30.56 -23.16
C HIS A 29 -15.03 29.44 -23.37
N ASN A 30 -13.83 29.63 -22.83
CA ASN A 30 -12.78 28.64 -22.91
C ASN A 30 -12.98 27.56 -21.85
N PRO A 31 -13.31 26.34 -22.29
CA PRO A 31 -13.66 25.27 -21.35
C PRO A 31 -12.47 24.81 -20.52
N TRP A 32 -11.26 25.00 -21.03
CA TRP A 32 -10.05 24.64 -20.28
C TRP A 32 -9.12 25.83 -20.08
N PRO A 33 -9.49 26.75 -19.19
CA PRO A 33 -8.64 27.91 -18.91
C PRO A 33 -7.28 27.52 -18.35
N HIS A 34 -6.27 28.34 -18.61
CA HIS A 34 -4.89 28.00 -18.27
C HIS A 34 -4.62 28.07 -16.77
N LYS A 35 -5.04 29.16 -16.16
CA LYS A 35 -4.79 29.38 -14.73
C LYS A 35 -5.98 29.96 -13.98
N PHE A 36 -6.41 29.24 -12.96
CA PHE A 36 -7.35 29.77 -12.00
C PHE A 36 -6.64 29.86 -10.65
N ASN A 37 -6.51 31.06 -10.12
CA ASN A 37 -5.82 31.22 -8.85
C ASN A 37 -6.71 30.85 -7.66
N VAL A 38 -6.44 29.69 -7.06
CA VAL A 38 -7.20 29.25 -5.90
C VAL A 38 -6.61 29.83 -4.61
N SER A 39 -7.38 30.70 -3.96
CA SER A 39 -6.89 31.43 -2.79
C SER A 39 -6.92 30.56 -1.54
N ILE A 40 -7.78 29.56 -1.55
CA ILE A 40 -7.96 28.71 -0.38
C ILE A 40 -8.56 27.35 -0.75
N THR A 41 -8.07 26.30 -0.10
CA THR A 41 -8.58 24.95 -0.27
C THR A 41 -9.76 24.75 0.67
N VAL A 42 -10.72 23.92 0.29
CA VAL A 42 -11.94 23.82 1.11
C VAL A 42 -11.72 23.20 2.49
N PRO A 43 -10.64 22.42 2.69
CA PRO A 43 -10.45 22.10 4.11
C PRO A 43 -10.03 23.33 4.91
N GLU A 44 -9.16 24.14 4.33
CA GLU A 44 -8.76 25.41 4.94
C GLU A 44 -9.97 26.33 5.10
N PHE A 45 -10.87 26.28 4.13
CA PHE A 45 -12.10 27.05 4.15
C PHE A 45 -12.94 26.68 5.35
N ILE A 46 -13.11 25.37 5.54
CA ILE A 46 -13.91 24.87 6.65
C ILE A 46 -13.24 25.20 7.99
N ALA A 47 -11.91 25.15 7.99
CA ALA A 47 -11.15 25.42 9.20
C ALA A 47 -11.17 26.90 9.58
N LYS A 48 -11.38 27.76 8.59
CA LYS A 48 -11.31 29.20 8.81
C LYS A 48 -12.68 29.83 9.05
N TYR A 49 -13.70 29.31 8.39
CA TYR A 49 -15.01 29.97 8.41
C TYR A 49 -16.12 29.16 9.09
N SER A 50 -15.75 28.12 9.82
CA SER A 50 -16.74 27.31 10.54
C SER A 50 -17.39 28.10 11.67
N GLY A 51 -16.71 29.14 12.13
CA GLY A 51 -17.22 29.96 13.21
C GLY A 51 -18.43 30.77 12.81
N LEU A 52 -18.71 30.82 11.50
CA LEU A 52 -19.90 31.53 11.01
C LEU A 52 -21.18 30.81 11.41
N GLU A 53 -22.29 31.53 11.41
CA GLU A 53 -23.56 30.87 11.63
C GLU A 53 -24.63 31.35 10.68
N LYS A 54 -25.85 30.93 10.96
CA LYS A 54 -26.89 30.96 9.95
C LYS A 54 -27.19 32.37 9.46
N SER A 55 -27.16 32.53 8.14
CA SER A 55 -27.39 33.80 7.43
C SER A 55 -26.25 34.80 7.57
N GLN A 56 -25.24 34.46 8.37
CA GLN A 56 -24.09 35.36 8.55
C GLN A 56 -23.14 35.25 7.37
N VAL A 57 -22.86 36.38 6.73
CA VAL A 57 -22.00 36.41 5.55
C VAL A 57 -20.71 37.17 5.81
N SER A 58 -19.59 36.50 5.58
CA SER A 58 -18.27 37.11 5.73
C SER A 58 -18.01 38.19 4.68
N ASP A 59 -17.13 39.12 5.00
CA ASP A 59 -16.79 40.21 4.08
C ASP A 59 -15.66 39.80 3.14
N ASP A 60 -15.05 38.66 3.42
CA ASP A 60 -13.89 38.19 2.65
C ASP A 60 -14.26 37.77 1.24
N ILE A 61 -13.28 37.90 0.33
CA ILE A 61 -13.42 37.40 -1.03
C ILE A 61 -12.41 36.29 -1.29
N VAL A 62 -12.86 35.04 -1.20
CA VAL A 62 -11.94 33.94 -1.41
C VAL A 62 -12.35 33.15 -2.64
N SER A 63 -11.39 32.43 -3.22
CA SER A 63 -11.69 31.63 -4.40
C SER A 63 -11.26 30.18 -4.21
N VAL A 64 -12.19 29.27 -4.52
CA VAL A 64 -11.96 27.83 -4.37
C VAL A 64 -12.18 27.10 -5.69
N ALA A 65 -11.67 25.88 -5.79
CA ALA A 65 -11.86 25.09 -7.00
C ALA A 65 -11.89 23.59 -6.70
N GLY A 66 -12.77 22.87 -7.39
CA GLY A 66 -12.93 21.44 -7.15
C GLY A 66 -13.78 20.76 -8.20
N ARG A 67 -14.38 19.62 -7.83
CA ARG A 67 -15.22 18.87 -8.76
C ARG A 67 -16.69 18.81 -8.31
N VAL A 68 -17.57 19.29 -9.17
CA VAL A 68 -19.02 19.27 -8.92
C VAL A 68 -19.55 17.84 -8.83
N LEU A 69 -20.12 17.49 -7.68
CA LEU A 69 -20.73 16.17 -7.53
C LEU A 69 -22.24 16.27 -7.34
N SER A 70 -22.72 17.50 -7.28
CA SER A 70 -24.15 17.73 -7.17
C SER A 70 -24.50 19.09 -7.76
N LYS A 71 -25.41 19.09 -8.72
CA LYS A 71 -25.98 20.32 -9.24
C LYS A 71 -27.50 20.25 -9.14
N ARG A 72 -28.05 21.06 -8.24
CA ARG A 72 -29.49 21.09 -8.01
C ARG A 72 -29.94 22.51 -7.68
N SER A 73 -31.10 22.89 -8.18
CA SER A 73 -31.60 24.24 -7.96
C SER A 73 -33.07 24.22 -7.54
N SER A 74 -33.45 25.18 -6.71
CA SER A 74 -34.84 25.34 -6.32
C SER A 74 -35.47 26.49 -7.11
N SER A 75 -34.63 27.21 -7.83
CA SER A 75 -35.06 28.34 -8.64
C SER A 75 -34.09 28.60 -9.78
N SER A 76 -34.50 29.44 -10.73
CA SER A 76 -33.61 29.79 -11.84
C SER A 76 -32.58 30.82 -11.39
N ALA A 77 -32.85 31.47 -10.27
CA ALA A 77 -31.96 32.50 -9.74
C ALA A 77 -31.21 32.01 -8.50
N LEU A 78 -31.32 30.72 -8.21
CA LEU A 78 -30.73 30.15 -7.02
C LEU A 78 -30.39 28.67 -7.20
N MET A 79 -29.10 28.39 -7.34
CA MET A 79 -28.60 27.02 -7.55
C MET A 79 -27.68 26.59 -6.43
N PHE A 80 -27.67 25.29 -6.13
CA PHE A 80 -26.82 24.75 -5.08
C PHE A 80 -25.89 23.67 -5.62
N ILE A 81 -24.59 23.87 -5.48
CA ILE A 81 -23.61 22.93 -6.01
C ILE A 81 -22.75 22.32 -4.90
N ASP A 82 -22.67 21.00 -4.85
CA ASP A 82 -21.73 20.35 -3.93
C ASP A 82 -20.38 20.25 -4.62
N LEU A 83 -19.46 21.11 -4.23
CA LEU A 83 -18.12 21.10 -4.81
C LEU A 83 -17.18 20.28 -3.92
N HIS A 84 -16.44 19.35 -4.51
CA HIS A 84 -15.56 18.49 -3.73
C HIS A 84 -14.08 18.75 -3.98
N ASP A 85 -13.35 18.92 -2.88
CA ASP A 85 -11.90 19.12 -2.94
C ASP A 85 -11.24 18.45 -1.75
N SER A 86 -10.13 17.75 -2.01
CA SER A 86 -9.40 17.00 -0.99
C SER A 86 -10.32 16.12 -0.14
N GLN A 87 -11.27 15.48 -0.82
CA GLN A 87 -12.23 14.55 -0.24
C GLN A 87 -13.20 15.18 0.78
N THR A 88 -13.24 16.50 0.83
CA THR A 88 -14.24 17.19 1.64
C THR A 88 -15.13 18.05 0.74
N LYS A 89 -16.31 18.42 1.22
CA LYS A 89 -17.24 19.15 0.37
C LYS A 89 -17.57 20.54 0.89
N LEU A 90 -17.75 21.46 -0.05
CA LEU A 90 -18.26 22.80 0.26
C LEU A 90 -19.40 23.14 -0.70
N GLN A 91 -20.53 23.60 -0.15
CA GLN A 91 -21.65 24.00 -0.97
C GLN A 91 -21.40 25.37 -1.61
N ILE A 92 -21.89 25.51 -2.82
CA ILE A 92 -21.78 26.73 -3.58
C ILE A 92 -23.19 27.20 -3.84
N MET A 93 -23.57 28.28 -3.16
CA MET A 93 -24.89 28.85 -3.37
C MET A 93 -24.77 29.92 -4.45
N LEU A 94 -25.11 29.54 -5.66
CA LEU A 94 -25.15 30.46 -6.79
C LEU A 94 -26.44 31.24 -6.78
N ASN A 95 -26.38 32.45 -6.22
CA ASN A 95 -27.50 33.37 -6.21
C ASN A 95 -27.29 34.48 -7.24
N LYS A 96 -28.25 34.61 -8.15
CA LYS A 96 -28.12 35.52 -9.29
C LYS A 96 -27.90 36.97 -8.83
N SER A 97 -28.63 37.38 -7.80
CA SER A 97 -28.57 38.74 -7.31
C SER A 97 -27.20 39.07 -6.73
N ALA A 98 -26.44 38.04 -6.38
CA ALA A 98 -25.11 38.25 -5.81
C ALA A 98 -24.01 38.03 -6.83
N TYR A 99 -24.39 37.65 -8.04
CA TYR A 99 -23.43 37.39 -9.11
C TYR A 99 -23.24 38.63 -9.96
N GLU A 100 -21.99 39.06 -10.13
CA GLU A 100 -21.68 40.28 -10.89
C GLU A 100 -22.18 40.20 -12.33
N ASN A 101 -21.56 39.35 -13.14
CA ASN A 101 -21.97 39.22 -14.54
C ASN A 101 -23.26 38.41 -14.67
N LYS A 102 -24.38 39.11 -14.73
CA LYS A 102 -25.68 38.45 -14.84
C LYS A 102 -25.78 37.66 -16.14
N GLU A 103 -25.13 38.16 -17.19
CA GLU A 103 -25.14 37.47 -18.47
C GLU A 103 -24.38 36.13 -18.38
N ASP A 104 -23.22 36.16 -17.72
CA ASP A 104 -22.42 34.95 -17.53
C ASP A 104 -23.05 34.02 -16.51
N PHE A 105 -23.78 34.56 -15.54
CA PHE A 105 -24.38 33.74 -14.49
C PHE A 105 -25.24 32.66 -15.08
N VAL A 106 -26.05 33.07 -16.03
CA VAL A 106 -26.95 32.15 -16.68
C VAL A 106 -26.14 31.06 -17.42
N SER A 107 -25.43 31.44 -18.49
CA SER A 107 -24.49 30.55 -19.26
C SER A 107 -23.74 29.58 -18.35
N LEU A 108 -23.08 30.05 -17.28
CA LEU A 108 -22.35 29.13 -16.37
C LEU A 108 -23.30 28.18 -15.66
N THR A 109 -24.36 28.72 -15.05
CA THR A 109 -25.29 27.87 -14.32
C THR A 109 -26.03 26.83 -15.18
N LYS A 110 -26.04 26.97 -16.51
CA LYS A 110 -26.60 25.90 -17.36
C LYS A 110 -25.52 24.94 -17.87
N MET A 111 -24.33 25.48 -18.18
CA MET A 111 -23.29 24.65 -18.80
C MET A 111 -22.74 23.60 -17.84
N ILE A 112 -22.71 23.95 -16.55
CA ILE A 112 -22.16 23.09 -15.51
C ILE A 112 -22.80 21.70 -15.52
N TYR A 113 -21.95 20.69 -15.66
CA TYR A 113 -22.36 19.29 -15.65
C TYR A 113 -21.77 18.61 -14.45
N ARG A 114 -22.48 17.62 -13.92
CA ARG A 114 -21.97 16.89 -12.77
C ARG A 114 -20.67 16.18 -13.16
N GLY A 115 -19.58 16.57 -12.51
CA GLY A 115 -18.27 16.02 -12.79
C GLY A 115 -17.28 17.09 -13.24
N ASP A 116 -17.80 18.25 -13.61
CA ASP A 116 -16.96 19.34 -14.09
C ASP A 116 -16.08 19.87 -12.98
N ILE A 117 -14.85 20.24 -13.34
CA ILE A 117 -13.97 20.91 -12.41
C ILE A 117 -14.23 22.39 -12.56
N CYS A 118 -14.66 23.03 -11.47
CA CYS A 118 -15.04 24.44 -11.48
C CYS A 118 -14.30 25.26 -10.44
N GLY A 119 -14.19 26.56 -10.73
CA GLY A 119 -13.65 27.52 -9.79
C GLY A 119 -14.63 28.64 -9.50
N PHE A 120 -14.76 29.01 -8.23
CA PHE A 120 -15.67 30.08 -7.82
C PHE A 120 -14.99 31.09 -6.90
N THR A 121 -15.30 32.37 -7.12
CA THR A 121 -14.77 33.44 -6.27
C THR A 121 -15.90 34.17 -5.60
N GLY A 122 -15.92 34.16 -4.27
CA GLY A 122 -17.03 34.76 -3.54
C GLY A 122 -16.87 34.83 -2.04
N HIS A 123 -17.99 35.09 -1.37
CA HIS A 123 -18.03 35.30 0.08
C HIS A 123 -18.39 34.05 0.86
N PRO A 124 -17.56 33.69 1.84
CA PRO A 124 -17.90 32.65 2.81
C PRO A 124 -19.16 32.98 3.58
N THR A 125 -20.00 31.98 3.82
CA THR A 125 -21.22 32.18 4.58
C THR A 125 -21.69 30.88 5.21
N ARG A 126 -22.63 30.95 6.14
CA ARG A 126 -23.36 29.77 6.55
C ARG A 126 -24.86 30.05 6.40
N THR A 127 -25.52 29.24 5.57
CA THR A 127 -26.93 29.46 5.23
C THR A 127 -27.84 29.30 6.44
N LYS A 128 -29.12 29.62 6.25
CA LYS A 128 -30.09 29.45 7.32
C LYS A 128 -30.31 27.96 7.65
N THR A 129 -29.86 27.08 6.76
CA THR A 129 -30.00 25.63 6.99
C THR A 129 -28.80 25.08 7.75
N GLY A 130 -27.83 25.93 8.05
CA GLY A 130 -26.65 25.51 8.79
C GLY A 130 -25.52 25.07 7.88
N GLU A 131 -25.82 24.96 6.59
CA GLU A 131 -24.84 24.50 5.62
C GLU A 131 -23.82 25.58 5.29
N LEU A 132 -22.56 25.32 5.61
CA LEU A 132 -21.46 26.22 5.23
C LEU A 132 -21.33 26.28 3.72
N SER A 133 -21.29 27.50 3.19
CA SER A 133 -21.32 27.72 1.75
C SER A 133 -20.42 28.87 1.33
N LEU A 134 -20.37 29.09 0.02
CA LEU A 134 -19.71 30.25 -0.56
C LEU A 134 -20.61 30.84 -1.66
N ILE A 135 -20.89 32.14 -1.55
CA ILE A 135 -21.71 32.83 -2.53
C ILE A 135 -20.83 33.53 -3.56
N PRO A 136 -20.83 33.01 -4.80
CA PRO A 136 -19.90 33.46 -5.83
C PRO A 136 -20.25 34.83 -6.39
N ILE A 137 -19.22 35.61 -6.67
CA ILE A 137 -19.36 36.82 -7.47
C ILE A 137 -19.08 36.47 -8.91
N SER A 138 -18.19 35.50 -9.10
CA SER A 138 -17.81 35.02 -10.42
C SER A 138 -17.36 33.58 -10.37
N GLY A 139 -17.78 32.80 -11.35
CA GLY A 139 -17.37 31.42 -11.45
C GLY A 139 -16.93 31.09 -12.86
N MET A 140 -16.40 29.88 -13.04
CA MET A 140 -15.88 29.46 -14.33
C MET A 140 -15.69 27.94 -14.41
N ILE A 141 -15.95 27.37 -15.58
CA ILE A 141 -15.63 25.96 -15.83
C ILE A 141 -14.13 25.84 -16.03
N LEU A 142 -13.48 24.99 -15.24
CA LEU A 142 -12.04 24.79 -15.39
C LEU A 142 -11.71 23.57 -16.24
N SER A 143 -12.57 22.54 -16.18
CA SER A 143 -12.44 21.39 -17.07
C SER A 143 -13.73 20.58 -17.09
N PRO A 144 -14.41 20.54 -18.24
CA PRO A 144 -15.70 19.86 -18.41
C PRO A 144 -15.56 18.34 -18.34
N CYS A 145 -16.56 17.68 -17.75
CA CYS A 145 -16.59 16.22 -17.68
C CYS A 145 -17.45 15.64 -18.79
N LEU A 146 -16.84 14.79 -19.62
CA LEU A 146 -17.47 14.32 -20.85
C LEU A 146 -18.16 12.97 -20.67
N HIS A 147 -18.18 12.46 -19.44
CA HIS A 147 -18.88 11.23 -19.13
C HIS A 147 -19.72 11.33 -17.86
N MET A 148 -20.69 10.42 -17.74
CA MET A 148 -21.51 10.36 -16.54
C MET A 148 -20.78 9.62 -15.42
N LEU A 149 -20.29 10.39 -14.45
CA LEU A 149 -19.72 9.81 -13.25
C LEU A 149 -20.73 8.91 -12.55
N PRO A 150 -20.30 7.71 -12.14
CA PRO A 150 -21.18 6.78 -11.42
C PRO A 150 -21.73 7.42 -10.15
N SER A 151 -22.80 6.85 -9.60
CA SER A 151 -23.39 7.38 -8.39
C SER A 151 -22.45 7.22 -7.21
N MET A 152 -22.89 7.67 -6.04
CA MET A 152 -22.06 7.59 -4.85
C MET A 152 -22.84 6.93 -3.70
N HIS A 153 -22.38 5.78 -3.24
CA HIS A 153 -21.17 5.13 -3.74
C HIS A 153 -21.48 4.18 -4.90
N TYR A 154 -20.42 3.73 -5.57
CA TYR A 154 -20.54 2.73 -6.62
C TYR A 154 -19.31 1.83 -6.61
N GLY A 155 -19.53 0.55 -6.91
CA GLY A 155 -18.45 -0.43 -6.90
C GLY A 155 -18.13 -0.86 -5.48
N LEU A 156 -19.07 -1.55 -4.86
CA LEU A 156 -18.85 -2.12 -3.53
C LEU A 156 -19.68 -3.41 -3.40
N GLY A 157 -19.06 -4.56 -3.68
CA GLY A 157 -17.66 -4.64 -4.02
C GLY A 157 -17.34 -4.53 -5.50
N ASP A 158 -17.29 -5.69 -6.18
CA ASP A 158 -16.83 -5.74 -7.58
C ASP A 158 -15.53 -4.97 -7.71
N GLN A 159 -14.47 -5.56 -7.17
CA GLN A 159 -13.20 -4.85 -6.99
C GLN A 159 -12.52 -4.46 -8.30
N GLU A 160 -12.81 -5.21 -9.37
CA GLU A 160 -12.10 -5.02 -10.64
C GLU A 160 -12.55 -3.76 -11.40
N THR A 161 -13.84 -3.47 -11.41
CA THR A 161 -14.32 -2.23 -12.00
C THR A 161 -13.74 -1.03 -11.24
N ARG A 162 -13.38 -1.25 -9.99
CA ARG A 162 -12.76 -0.21 -9.16
C ARG A 162 -11.29 -0.02 -9.49
N PHE A 163 -10.57 -1.13 -9.58
CA PHE A 163 -9.12 -1.11 -9.63
C PHE A 163 -8.58 -0.91 -11.05
N ARG A 164 -9.40 -1.28 -12.04
CA ARG A 164 -9.06 -1.00 -13.43
C ARG A 164 -9.13 0.51 -13.67
N LYS A 165 -10.20 1.12 -13.19
CA LYS A 165 -10.37 2.57 -13.31
C LYS A 165 -10.25 3.25 -11.96
N ARG A 166 -9.04 3.24 -11.39
CA ARG A 166 -8.79 3.80 -10.05
C ARG A 166 -9.24 5.25 -9.93
N TYR A 167 -9.10 6.01 -11.03
CA TYR A 167 -9.44 7.42 -11.04
C TYR A 167 -10.94 7.66 -10.79
N LEU A 168 -11.77 6.69 -11.15
CA LEU A 168 -13.20 6.76 -10.84
C LEU A 168 -13.44 6.36 -9.40
N ASP A 169 -12.73 5.32 -8.97
CA ASP A 169 -12.90 4.77 -7.63
C ASP A 169 -12.62 5.84 -6.58
N LEU A 170 -11.51 6.56 -6.75
CA LEU A 170 -11.12 7.60 -5.81
C LEU A 170 -12.13 8.74 -5.74
N ILE A 171 -12.94 8.87 -6.77
CA ILE A 171 -13.96 9.91 -6.82
C ILE A 171 -15.24 9.45 -6.13
N VAL A 172 -15.75 8.28 -6.52
CA VAL A 172 -17.00 7.78 -5.98
C VAL A 172 -16.84 7.06 -4.63
N ASN A 173 -15.61 6.65 -4.33
CA ASN A 173 -15.29 6.06 -3.03
C ASN A 173 -14.12 6.81 -2.40
N PRO A 174 -14.36 8.03 -1.91
CA PRO A 174 -13.29 8.90 -1.42
C PRO A 174 -12.62 8.34 -0.17
N GLU A 175 -13.35 7.54 0.58
CA GLU A 175 -12.81 6.89 1.78
C GLU A 175 -11.55 6.10 1.46
N SER A 176 -11.46 5.58 0.24
CA SER A 176 -10.32 4.75 -0.16
C SER A 176 -9.03 5.56 -0.14
N VAL A 177 -9.13 6.86 -0.34
CA VAL A 177 -7.96 7.73 -0.26
C VAL A 177 -7.32 7.63 1.11
N LYS A 178 -8.16 7.51 2.15
CA LYS A 178 -7.65 7.38 3.51
C LYS A 178 -6.60 6.30 3.58
N ASN A 179 -6.81 5.24 2.80
CA ASN A 179 -5.89 4.11 2.78
C ASN A 179 -4.50 4.54 2.30
N PHE A 180 -4.45 5.17 1.13
CA PHE A 180 -3.17 5.49 0.52
C PHE A 180 -2.39 6.53 1.32
N VAL A 181 -3.09 7.53 1.82
CA VAL A 181 -2.52 8.49 2.77
C VAL A 181 -1.89 7.80 3.97
N LEU A 182 -2.48 6.69 4.40
CA LEU A 182 -1.91 5.92 5.50
C LEU A 182 -0.58 5.35 5.03
N ARG A 183 -0.60 4.73 3.86
CA ARG A 183 0.58 4.06 3.34
C ARG A 183 1.77 5.02 3.27
N THR A 184 1.56 6.20 2.72
CA THR A 184 2.63 7.18 2.64
C THR A 184 3.09 7.51 4.06
N LYS A 185 2.12 7.75 4.95
CA LYS A 185 2.42 8.03 6.35
C LYS A 185 3.34 6.95 6.91
N VAL A 186 3.12 5.71 6.49
CA VAL A 186 3.97 4.61 6.90
C VAL A 186 5.41 4.81 6.44
N VAL A 187 5.62 4.99 5.14
CA VAL A 187 6.97 5.01 4.61
C VAL A 187 7.76 6.18 5.23
N LYS A 188 7.11 7.32 5.39
CA LYS A 188 7.74 8.48 6.01
C LYS A 188 8.17 8.12 7.42
N ALA A 189 7.27 7.48 8.15
CA ALA A 189 7.56 7.05 9.51
C ALA A 189 8.80 6.17 9.53
N VAL A 190 8.93 5.31 8.52
CA VAL A 190 10.12 4.47 8.43
C VAL A 190 11.32 5.38 8.22
N ARG A 191 11.28 6.18 7.15
CA ARG A 191 12.45 6.94 6.73
C ARG A 191 12.99 7.78 7.87
N LYS A 192 12.11 8.61 8.44
CA LYS A 192 12.45 9.42 9.60
C LYS A 192 13.19 8.61 10.65
N TYR A 193 12.57 7.52 11.12
CA TYR A 193 13.15 6.73 12.19
C TYR A 193 14.59 6.32 11.85
N LEU A 194 14.80 5.92 10.60
CA LEU A 194 16.11 5.47 10.18
C LEU A 194 17.04 6.65 9.97
N ASP A 195 16.50 7.72 9.38
CA ASP A 195 17.31 8.87 9.04
C ASP A 195 17.87 9.50 10.31
N ASP A 196 17.01 9.61 11.33
CA ASP A 196 17.42 10.17 12.62
C ASP A 196 18.46 9.28 13.31
N LYS A 197 18.65 8.06 12.81
CA LYS A 197 19.62 7.16 13.40
C LYS A 197 20.85 6.96 12.51
N GLY A 198 21.11 7.94 11.64
CA GLY A 198 22.33 7.98 10.86
C GLY A 198 22.33 7.15 9.60
N PHE A 199 21.19 6.52 9.32
CA PHE A 199 21.08 5.69 8.13
C PHE A 199 21.15 6.54 6.87
N LEU A 200 21.73 5.94 5.84
CA LEU A 200 21.80 6.58 4.54
C LEU A 200 20.85 5.89 3.59
N GLU A 201 19.83 6.61 3.15
CA GLU A 201 18.89 6.09 2.17
C GLU A 201 19.56 6.02 0.81
N VAL A 202 19.62 4.84 0.23
CA VAL A 202 20.33 4.65 -1.05
C VAL A 202 19.45 4.00 -2.12
N GLU A 203 19.99 3.94 -3.35
CA GLU A 203 19.32 3.25 -4.45
C GLU A 203 20.22 2.21 -5.11
N THR A 204 19.81 0.95 -5.06
CA THR A 204 20.57 -0.12 -5.70
C THR A 204 19.84 -0.58 -6.96
N PRO A 205 20.59 -1.18 -7.90
CA PRO A 205 20.03 -1.66 -9.17
C PRO A 205 18.77 -2.50 -9.04
N ILE A 206 17.89 -2.35 -10.02
CA ILE A 206 16.73 -3.21 -10.18
C ILE A 206 17.03 -4.25 -11.25
N LEU A 207 17.82 -3.86 -12.25
CA LEU A 207 18.23 -4.78 -13.30
C LEU A 207 19.57 -5.41 -12.97
N ASN A 208 19.63 -6.74 -13.01
CA ASN A 208 20.84 -7.46 -12.68
C ASN A 208 21.24 -8.44 -13.78
N THR A 209 22.53 -8.69 -13.91
CA THR A 209 23.04 -9.64 -14.88
C THR A 209 23.12 -11.03 -14.29
N ILE A 210 22.82 -11.11 -12.99
CA ILE A 210 22.79 -12.38 -12.27
C ILE A 210 21.41 -12.57 -11.65
N PRO A 211 20.78 -13.72 -11.92
CA PRO A 211 19.39 -14.03 -11.53
C PRO A 211 19.14 -14.13 -10.02
N GLY A 212 20.17 -14.50 -9.26
CA GLY A 212 20.03 -14.63 -7.82
C GLY A 212 19.76 -16.06 -7.40
N GLY A 213 20.24 -16.43 -6.21
CA GLY A 213 20.11 -17.78 -5.72
C GLY A 213 18.74 -18.10 -5.13
N ALA A 214 17.84 -17.13 -5.18
CA ALA A 214 16.50 -17.31 -4.64
C ALA A 214 15.68 -18.24 -5.54
N THR A 215 14.69 -18.90 -4.96
CA THR A 215 13.87 -19.85 -5.71
C THR A 215 12.78 -19.17 -6.53
N ALA A 216 12.40 -17.96 -6.11
CA ALA A 216 11.31 -17.24 -6.77
C ALA A 216 11.62 -16.95 -8.24
N ARG A 217 10.63 -17.16 -9.09
CA ARG A 217 10.77 -16.90 -10.52
C ARG A 217 10.85 -15.40 -10.77
N PRO A 218 11.93 -14.95 -11.42
CA PRO A 218 12.15 -13.53 -11.72
C PRO A 218 11.63 -13.11 -13.09
N PHE A 219 11.22 -11.84 -13.20
CA PHE A 219 10.93 -11.25 -14.51
C PHE A 219 12.22 -11.16 -15.31
N ILE A 220 12.16 -11.53 -16.58
CA ILE A 220 13.37 -11.57 -17.39
C ILE A 220 13.29 -10.60 -18.54
N THR A 221 14.35 -9.81 -18.72
CA THR A 221 14.41 -8.82 -19.76
C THR A 221 15.73 -8.89 -20.50
N HIS A 222 15.92 -7.97 -21.45
CA HIS A 222 17.09 -8.00 -22.30
C HIS A 222 17.62 -6.61 -22.59
N HIS A 223 18.93 -6.42 -22.38
CA HIS A 223 19.58 -5.17 -22.77
C HIS A 223 20.24 -5.31 -24.14
N ASN A 224 19.86 -4.42 -25.05
CA ASN A 224 20.20 -4.50 -26.47
C ASN A 224 21.65 -4.16 -26.80
N GLN A 225 22.13 -3.02 -26.34
CA GLN A 225 23.48 -2.58 -26.67
C GLN A 225 24.52 -3.59 -26.15
N LEU A 226 24.34 -4.07 -24.93
CA LEU A 226 25.29 -5.02 -24.35
C LEU A 226 24.97 -6.45 -24.81
N ASP A 227 23.82 -6.61 -25.45
CA ASP A 227 23.32 -7.90 -25.92
C ASP A 227 23.34 -8.94 -24.81
N ILE A 228 22.79 -8.58 -23.65
CA ILE A 228 22.81 -9.50 -22.52
C ILE A 228 21.45 -9.63 -21.88
N GLN A 229 21.18 -10.81 -21.33
CA GLN A 229 19.94 -11.05 -20.63
C GLN A 229 20.06 -10.55 -19.21
N MET A 230 19.08 -9.78 -18.75
CA MET A 230 19.10 -9.25 -17.40
C MET A 230 17.85 -9.63 -16.61
N TYR A 231 17.94 -9.57 -15.28
CA TYR A 231 16.84 -9.98 -14.41
C TYR A 231 16.44 -8.89 -13.42
N MET A 232 15.14 -8.77 -13.18
CA MET A 232 14.64 -7.81 -12.20
C MET A 232 14.79 -8.33 -10.76
N ARG A 233 15.12 -7.42 -9.85
CA ARG A 233 15.59 -7.81 -8.52
C ARG A 233 14.54 -8.47 -7.65
N ILE A 234 14.97 -9.42 -6.82
CA ILE A 234 14.09 -10.09 -5.88
C ILE A 234 14.28 -9.47 -4.49
N ALA A 235 15.45 -8.87 -4.28
CA ALA A 235 15.78 -8.15 -3.05
C ALA A 235 17.07 -7.33 -3.25
N PRO A 236 17.20 -6.21 -2.52
CA PRO A 236 18.38 -5.35 -2.59
C PRO A 236 19.53 -5.79 -1.68
N GLU A 237 19.36 -6.93 -1.02
CA GLU A 237 20.23 -7.36 0.09
C GLU A 237 21.72 -7.30 -0.22
N LEU A 238 22.11 -7.94 -1.31
CA LEU A 238 23.52 -8.09 -1.62
C LEU A 238 24.20 -6.73 -1.77
N TYR A 239 23.61 -5.84 -2.55
CA TYR A 239 24.19 -4.54 -2.81
C TYR A 239 24.33 -3.72 -1.53
N LEU A 240 23.26 -3.66 -0.75
CA LEU A 240 23.28 -2.97 0.54
C LEU A 240 24.41 -3.50 1.44
N LYS A 241 24.50 -4.82 1.55
CA LYS A 241 25.58 -5.44 2.31
C LYS A 241 26.96 -5.05 1.76
N GLU A 242 27.06 -4.92 0.45
CA GLU A 242 28.31 -4.47 -0.18
C GLU A 242 28.61 -3.02 0.22
N LEU A 243 27.55 -2.28 0.53
CA LEU A 243 27.72 -0.91 0.99
C LEU A 243 28.22 -0.89 2.43
N VAL A 244 27.72 -1.80 3.25
CA VAL A 244 28.21 -1.86 4.63
C VAL A 244 29.68 -2.31 4.63
N VAL A 245 30.04 -3.23 3.73
CA VAL A 245 31.44 -3.59 3.52
C VAL A 245 32.24 -2.35 3.12
N GLY A 246 31.67 -1.56 2.22
CA GLY A 246 32.33 -0.39 1.68
C GLY A 246 32.59 0.73 2.67
N GLY A 247 31.98 0.66 3.84
CA GLY A 247 32.25 1.65 4.87
C GLY A 247 31.07 2.49 5.29
N ILE A 248 29.96 2.33 4.59
CA ILE A 248 28.69 2.94 5.00
C ILE A 248 27.99 2.03 6.03
N ASN A 249 28.12 2.39 7.31
CA ASN A 249 27.72 1.53 8.42
C ASN A 249 26.22 1.25 8.50
N ARG A 250 25.41 2.27 8.23
CA ARG A 250 23.96 2.11 8.30
C ARG A 250 23.32 2.53 6.97
N VAL A 251 22.74 1.57 6.26
CA VAL A 251 22.09 1.85 4.99
C VAL A 251 20.67 1.32 4.98
N TYR A 252 19.81 1.92 4.16
CA TYR A 252 18.47 1.39 3.98
C TYR A 252 17.90 1.79 2.63
N GLU A 253 16.96 0.97 2.15
CA GLU A 253 16.31 1.23 0.89
C GLU A 253 14.88 0.73 0.92
N ILE A 254 13.95 1.64 0.61
CA ILE A 254 12.55 1.30 0.46
C ILE A 254 12.28 1.18 -1.02
N GLY A 255 12.30 -0.05 -1.51
CA GLY A 255 12.35 -0.30 -2.93
C GLY A 255 11.31 -1.25 -3.49
N ARG A 256 11.28 -1.28 -4.82
CA ARG A 256 10.31 -2.05 -5.58
C ARG A 256 10.92 -3.37 -6.01
N LEU A 257 10.31 -4.47 -5.57
CA LEU A 257 10.77 -5.80 -5.92
C LEU A 257 9.80 -6.44 -6.89
N PHE A 258 10.28 -7.45 -7.61
CA PHE A 258 9.52 -8.06 -8.70
C PHE A 258 9.54 -9.59 -8.64
N ARG A 259 8.35 -10.19 -8.56
CA ARG A 259 8.21 -11.65 -8.61
C ARG A 259 7.24 -12.09 -9.70
N ASN A 260 7.76 -12.87 -10.66
CA ASN A 260 6.98 -13.37 -11.77
C ASN A 260 6.21 -14.62 -11.37
N GLU A 261 5.31 -14.48 -10.41
CA GLU A 261 4.53 -15.61 -9.93
C GLU A 261 3.04 -15.31 -10.00
N GLY A 262 2.30 -15.82 -9.02
CA GLY A 262 0.86 -15.69 -9.00
C GLY A 262 0.34 -14.36 -8.48
N ILE A 263 -0.94 -14.13 -8.74
CA ILE A 263 -1.63 -12.94 -8.27
C ILE A 263 -2.83 -13.30 -7.40
N ASP A 264 -2.79 -12.91 -6.13
CA ASP A 264 -3.92 -13.10 -5.23
C ASP A 264 -4.07 -11.90 -4.30
N GLN A 265 -4.79 -12.09 -3.20
CA GLN A 265 -5.12 -10.98 -2.29
C GLN A 265 -3.92 -10.49 -1.48
N THR A 266 -2.86 -11.27 -1.43
CA THR A 266 -1.68 -10.88 -0.69
C THR A 266 -0.44 -10.84 -1.58
N HIS A 267 -0.65 -11.06 -2.87
CA HIS A 267 0.44 -11.04 -3.84
C HIS A 267 0.15 -10.16 -5.05
N ASN A 268 1.12 -9.31 -5.37
CA ASN A 268 1.12 -8.51 -6.58
C ASN A 268 2.49 -8.69 -7.23
N PRO A 269 2.52 -8.82 -8.57
CA PRO A 269 3.76 -9.05 -9.32
C PRO A 269 4.91 -8.12 -8.92
N GLU A 270 4.61 -6.83 -8.71
CA GLU A 270 5.59 -5.89 -8.20
C GLU A 270 5.15 -5.29 -6.87
N PHE A 271 6.00 -5.36 -5.87
CA PHE A 271 5.63 -4.89 -4.54
C PHE A 271 6.73 -4.05 -3.95
N THR A 272 6.53 -3.57 -2.72
CA THR A 272 7.48 -2.64 -2.12
C THR A 272 7.88 -3.08 -0.73
N THR A 273 9.18 -3.17 -0.47
CA THR A 273 9.63 -3.51 0.88
C THR A 273 10.65 -2.52 1.37
N CYS A 274 10.96 -2.58 2.67
CA CYS A 274 12.07 -1.80 3.18
C CYS A 274 13.13 -2.70 3.79
N GLU A 275 14.37 -2.55 3.33
CA GLU A 275 15.45 -3.29 3.95
C GLU A 275 16.45 -2.33 4.56
N PHE A 276 16.98 -2.66 5.73
CA PHE A 276 18.12 -1.91 6.22
C PHE A 276 19.17 -2.83 6.81
N TYR A 277 20.41 -2.35 6.76
CA TYR A 277 21.52 -3.04 7.37
C TYR A 277 22.28 -2.06 8.24
N MET A 278 22.67 -2.56 9.41
CA MET A 278 23.18 -1.71 10.48
C MET A 278 24.37 -2.37 11.16
N ALA A 279 25.57 -1.85 10.90
CA ALA A 279 26.79 -2.45 11.44
C ALA A 279 26.80 -2.43 12.97
N TYR A 280 27.42 -3.47 13.54
CA TYR A 280 27.63 -3.63 14.98
C TYR A 280 26.33 -3.68 15.76
N ALA A 281 25.33 -4.35 15.18
CA ALA A 281 24.03 -4.56 15.82
C ALA A 281 23.55 -5.99 15.61
N ASP A 282 22.84 -6.54 16.60
CA ASP A 282 22.27 -7.89 16.48
C ASP A 282 20.74 -7.83 16.42
N TYR A 283 20.12 -8.99 16.23
CA TYR A 283 18.66 -9.05 16.02
C TYR A 283 17.84 -8.57 17.22
N ASN A 284 18.44 -8.56 18.40
CA ASN A 284 17.80 -7.99 19.59
C ASN A 284 17.59 -6.49 19.44
N ASP A 285 18.67 -5.80 19.05
CA ASP A 285 18.59 -4.38 18.78
C ASP A 285 17.51 -4.11 17.75
N ILE A 286 17.46 -4.94 16.71
CA ILE A 286 16.49 -4.76 15.64
C ILE A 286 15.06 -5.02 16.15
N MET A 287 14.95 -5.84 17.17
CA MET A 287 13.65 -6.11 17.78
C MET A 287 13.15 -4.87 18.50
N LYS A 288 14.02 -4.30 19.33
CA LYS A 288 13.65 -3.08 20.04
C LYS A 288 13.34 -1.95 19.04
N MET A 289 14.15 -1.85 18.00
CA MET A 289 13.93 -0.86 16.96
C MET A 289 12.57 -1.06 16.31
N THR A 290 12.21 -2.32 16.10
CA THR A 290 10.94 -2.63 15.44
C THR A 290 9.76 -2.22 16.31
N GLU A 291 9.83 -2.60 17.59
CA GLU A 291 8.85 -2.16 18.58
C GLU A 291 8.71 -0.65 18.58
N GLU A 292 9.84 0.05 18.65
CA GLU A 292 9.89 1.50 18.67
C GLU A 292 9.19 2.11 17.47
N LEU A 293 9.66 1.73 16.29
CA LEU A 293 9.14 2.23 15.02
C LEU A 293 7.64 1.98 14.81
N LEU A 294 7.24 0.72 14.88
CA LEU A 294 5.83 0.38 14.70
C LEU A 294 4.99 1.08 15.75
N GLY A 295 5.53 1.16 16.95
CA GLY A 295 4.89 1.87 18.04
C GLY A 295 4.56 3.29 17.65
N ASN A 296 5.58 4.08 17.33
CA ASN A 296 5.39 5.45 16.86
C ASN A 296 4.38 5.56 15.73
N MET A 297 4.42 4.61 14.79
CA MET A 297 3.44 4.59 13.70
C MET A 297 2.00 4.53 14.23
N VAL A 298 1.73 3.49 15.00
CA VAL A 298 0.39 3.27 15.57
C VAL A 298 -0.06 4.46 16.43
N LYS A 299 0.85 5.02 17.22
CA LYS A 299 0.51 6.13 18.10
C LYS A 299 0.29 7.43 17.33
N ASP A 300 0.80 7.52 16.11
CA ASP A 300 0.41 8.62 15.26
C ASP A 300 -1.02 8.35 14.80
N ILE A 301 -1.24 7.14 14.28
CA ILE A 301 -2.56 6.77 13.77
C ILE A 301 -3.68 7.06 14.77
N THR A 302 -3.43 6.73 16.04
CA THR A 302 -4.41 6.97 17.09
C THR A 302 -3.92 8.04 18.08
N GLY A 303 -3.14 7.59 19.06
CA GLY A 303 -2.61 8.46 20.11
C GLY A 303 -1.96 7.59 21.15
N GLY A 304 -2.46 6.36 21.29
CA GLY A 304 -1.88 5.36 22.17
C GLY A 304 -1.33 4.22 21.33
N SER A 305 -0.57 3.32 21.95
CA SER A 305 0.09 2.25 21.22
C SER A 305 -0.88 1.10 20.91
N THR A 306 -2.16 1.33 21.18
CA THR A 306 -3.18 0.30 20.98
C THR A 306 -4.12 0.64 19.84
N LYS A 307 -4.22 -0.25 18.86
CA LYS A 307 -5.07 -0.02 17.69
C LYS A 307 -6.31 -0.90 17.73
N LEU A 308 -7.30 -0.56 16.93
CA LEU A 308 -8.51 -1.36 16.86
C LEU A 308 -8.86 -1.73 15.42
N GLU A 309 -8.96 -3.04 15.18
CA GLU A 309 -9.28 -3.56 13.87
C GLU A 309 -10.59 -4.33 13.93
N ILE A 310 -11.08 -4.75 12.77
CA ILE A 310 -12.33 -5.50 12.69
C ILE A 310 -12.17 -6.90 13.28
N LYS A 377 -17.71 -7.12 16.42
CA LYS A 377 -17.13 -6.62 15.19
C LYS A 377 -15.68 -6.21 15.46
N LYS A 378 -15.48 -5.39 16.50
CA LYS A 378 -14.16 -4.85 16.83
C LYS A 378 -13.24 -5.83 17.55
N MET A 379 -11.97 -5.42 17.67
CA MET A 379 -10.91 -6.21 18.27
C MET A 379 -9.69 -5.29 18.45
N VAL A 380 -8.87 -5.53 19.46
CA VAL A 380 -7.73 -4.65 19.69
C VAL A 380 -6.37 -5.31 19.40
N LEU A 381 -5.50 -4.56 18.73
CA LEU A 381 -4.11 -4.95 18.50
C LEU A 381 -3.16 -4.10 19.35
N ASP A 382 -2.49 -4.73 20.31
CA ASP A 382 -1.70 -4.02 21.30
C ASP A 382 -0.24 -3.90 20.90
N PHE A 383 0.11 -2.76 20.30
CA PHE A 383 1.49 -2.50 19.88
C PHE A 383 2.34 -1.91 21.02
N THR A 384 1.93 -2.16 22.26
CA THR A 384 2.65 -1.66 23.41
C THR A 384 3.94 -2.42 23.61
N ALA A 385 5.04 -1.69 23.78
CA ALA A 385 6.33 -2.30 24.03
C ALA A 385 6.38 -2.83 25.46
N PRO A 386 6.99 -4.02 25.65
CA PRO A 386 7.55 -4.85 24.59
C PRO A 386 6.53 -5.80 23.97
N PHE A 387 6.82 -6.30 22.77
CA PHE A 387 5.97 -7.30 22.13
C PHE A 387 6.20 -8.65 22.77
N LYS A 388 5.23 -9.54 22.61
CA LYS A 388 5.44 -10.92 23.01
C LYS A 388 6.59 -11.51 22.21
N ARG A 389 7.29 -12.48 22.77
CA ARG A 389 8.30 -13.18 21.98
C ARG A 389 8.43 -14.62 22.44
N ILE A 390 8.56 -15.52 21.46
CA ILE A 390 8.67 -16.94 21.73
C ILE A 390 9.76 -17.59 20.88
N SER A 391 10.31 -18.70 21.36
CA SER A 391 11.26 -19.47 20.55
C SER A 391 10.53 -20.55 19.76
N TYR A 392 11.00 -20.80 18.55
CA TYR A 392 10.39 -21.74 17.63
C TYR A 392 10.23 -23.14 18.21
N VAL A 393 11.34 -23.87 18.28
CA VAL A 393 11.34 -25.24 18.79
C VAL A 393 10.86 -25.30 20.24
N HIS A 394 10.92 -24.18 20.95
CA HIS A 394 10.44 -24.14 22.33
C HIS A 394 8.91 -24.05 22.41
N ALA A 395 8.28 -23.48 21.38
CA ALA A 395 6.82 -23.45 21.32
C ALA A 395 6.30 -24.77 20.79
N LEU A 396 6.97 -25.30 19.77
CA LEU A 396 6.64 -26.64 19.28
C LEU A 396 6.77 -27.69 20.37
N GLU A 397 7.84 -27.61 21.16
CA GLU A 397 8.01 -28.50 22.31
C GLU A 397 7.10 -28.10 23.47
N GLU A 398 6.63 -26.85 23.47
CA GLU A 398 5.68 -26.38 24.48
C GLU A 398 4.33 -27.06 24.30
N LYS A 399 3.97 -27.36 23.06
CA LYS A 399 2.67 -27.98 22.84
C LYS A 399 2.69 -29.46 22.42
N PHE A 400 3.84 -29.95 21.97
CA PHE A 400 3.95 -31.35 21.56
C PHE A 400 3.71 -32.30 22.73
N GLY A 401 4.11 -31.87 23.92
CA GLY A 401 4.02 -32.68 25.11
C GLY A 401 5.29 -32.54 25.92
N GLU A 402 6.40 -32.99 25.36
CA GLU A 402 7.71 -32.77 25.95
C GLU A 402 8.68 -32.32 24.86
N LYS A 403 9.98 -32.42 25.14
CA LYS A 403 11.02 -31.93 24.23
C LYS A 403 11.17 -32.82 22.97
N ILE A 404 12.09 -32.42 22.09
CA ILE A 404 12.36 -33.14 20.85
C ILE A 404 13.79 -33.70 20.84
N PRO A 405 13.97 -34.92 20.31
CA PRO A 405 15.27 -35.55 20.08
C PRO A 405 16.34 -34.59 19.55
N ARG A 406 17.59 -34.83 19.93
CA ARG A 406 18.71 -34.03 19.47
C ARG A 406 19.08 -34.47 18.05
N PRO A 407 20.13 -33.89 17.42
CA PRO A 407 20.07 -33.67 15.98
C PRO A 407 18.65 -33.58 15.40
N LEU A 408 18.12 -32.36 15.35
CA LEU A 408 16.78 -32.12 14.83
C LEU A 408 16.67 -32.52 13.36
N ASP A 409 17.77 -32.35 12.63
CA ASP A 409 17.80 -32.74 11.22
C ASP A 409 17.99 -34.25 11.06
N GLY A 410 18.00 -34.96 12.18
CA GLY A 410 18.32 -36.38 12.20
C GLY A 410 17.13 -37.32 12.10
N PRO A 411 17.39 -38.62 12.24
CA PRO A 411 16.41 -39.69 12.06
C PRO A 411 15.37 -39.76 13.17
N GLU A 412 15.83 -39.77 14.42
CA GLU A 412 14.96 -39.86 15.57
C GLU A 412 14.03 -38.64 15.66
N ALA A 413 14.50 -37.50 15.19
CA ALA A 413 13.73 -36.27 15.25
C ALA A 413 12.62 -36.26 14.21
N LEU A 414 12.85 -36.92 13.09
CA LEU A 414 11.83 -37.03 12.05
C LEU A 414 10.81 -38.10 12.43
N THR A 415 11.31 -39.22 12.94
CA THR A 415 10.46 -40.31 13.42
C THR A 415 9.59 -39.82 14.58
N PHE A 416 10.13 -38.88 15.34
CA PHE A 416 9.40 -38.25 16.42
C PHE A 416 8.39 -37.26 15.87
N LEU A 417 8.83 -36.47 14.90
CA LEU A 417 7.99 -35.43 14.31
C LEU A 417 6.73 -36.02 13.69
N LYS A 418 6.89 -37.16 13.01
CA LYS A 418 5.76 -37.82 12.35
C LYS A 418 4.65 -38.17 13.34
N LYS A 419 5.02 -38.51 14.57
CA LYS A 419 4.06 -38.88 15.61
C LYS A 419 3.04 -37.77 15.88
N GLN A 420 3.52 -36.57 16.18
CA GLN A 420 2.64 -35.43 16.36
C GLN A 420 2.13 -34.95 15.00
N ALA A 421 2.74 -35.45 13.93
CA ALA A 421 2.28 -35.17 12.58
C ALA A 421 1.29 -36.23 12.11
N ILE A 422 0.76 -37.00 13.04
CA ILE A 422 -0.45 -37.79 12.80
C ILE A 422 -1.40 -37.57 13.98
N ARG A 423 -0.85 -37.03 15.06
CA ARG A 423 -1.60 -36.84 16.29
C ARG A 423 -2.40 -35.53 16.34
N PHE A 424 -1.71 -34.42 16.11
CA PHE A 424 -2.29 -33.09 16.37
C PHE A 424 -3.14 -32.58 15.21
N ASN A 425 -3.97 -33.46 14.65
CA ASN A 425 -4.78 -33.14 13.48
C ASN A 425 -3.93 -32.68 12.30
N ALA A 426 -2.62 -32.88 12.43
CA ALA A 426 -1.66 -32.41 11.44
C ALA A 426 -1.38 -33.47 10.40
N ILE A 427 -1.81 -33.21 9.17
CA ILE A 427 -1.39 -34.03 8.06
C ILE A 427 -0.37 -33.24 7.25
N CYS A 428 0.87 -33.67 7.29
CA CYS A 428 1.93 -33.03 6.52
C CYS A 428 1.85 -33.45 5.06
N ALA A 429 2.84 -33.07 4.28
CA ALA A 429 2.82 -33.37 2.85
C ALA A 429 4.03 -34.17 2.41
N GLU A 430 4.07 -34.51 1.13
CA GLU A 430 5.24 -35.14 0.53
C GLU A 430 5.92 -34.16 -0.41
N PRO A 431 7.27 -34.10 -0.39
CA PRO A 431 8.20 -34.90 0.42
C PRO A 431 8.15 -34.55 1.91
N GLN A 432 8.41 -35.54 2.76
CA GLN A 432 8.36 -35.35 4.21
C GLN A 432 9.72 -35.02 4.78
N THR A 433 10.28 -33.88 4.36
CA THR A 433 11.54 -33.40 4.94
C THR A 433 11.30 -32.97 6.37
N THR A 434 12.33 -33.05 7.21
CA THR A 434 12.20 -32.63 8.60
C THR A 434 11.82 -31.17 8.67
N ALA A 435 12.43 -30.39 7.79
CA ALA A 435 12.10 -28.99 7.63
C ALA A 435 10.61 -28.79 7.29
N ARG A 436 10.06 -29.67 6.47
CA ARG A 436 8.68 -29.54 6.01
C ARG A 436 7.65 -29.93 7.08
N VAL A 437 7.88 -31.06 7.75
CA VAL A 437 6.97 -31.49 8.81
C VAL A 437 7.03 -30.53 9.99
N MET A 438 8.22 -30.00 10.26
CA MET A 438 8.40 -29.01 11.31
C MET A 438 7.69 -27.70 10.93
N ASP A 439 7.82 -27.30 9.67
CA ASP A 439 7.20 -26.07 9.18
C ASP A 439 5.68 -26.13 9.18
N LYS A 440 5.13 -27.29 8.83
CA LYS A 440 3.69 -27.47 8.81
C LYS A 440 3.15 -27.59 10.23
N LEU A 441 3.86 -28.34 11.06
CA LEU A 441 3.46 -28.49 12.45
C LEU A 441 3.45 -27.12 13.12
N PHE A 442 4.41 -26.26 12.79
CA PHE A 442 4.42 -24.92 13.37
C PHE A 442 3.39 -24.02 12.70
N GLY A 443 3.05 -24.33 11.45
CA GLY A 443 2.18 -23.48 10.65
C GLY A 443 0.70 -23.63 10.91
N ASP A 444 0.25 -24.86 11.13
CA ASP A 444 -1.15 -25.12 11.44
C ASP A 444 -1.44 -24.92 12.92
N LEU A 445 -0.41 -25.08 13.74
CA LEU A 445 -0.58 -25.29 15.16
C LEU A 445 -0.22 -24.07 16.00
N ILE A 446 0.96 -23.50 15.75
CA ILE A 446 1.48 -22.41 16.57
C ILE A 446 1.11 -21.04 16.02
N GLU A 447 1.08 -20.92 14.70
CA GLU A 447 0.74 -19.67 14.02
C GLU A 447 -0.70 -19.23 14.28
N VAL A 448 -1.58 -20.21 14.48
CA VAL A 448 -3.03 -20.00 14.49
C VAL A 448 -3.49 -18.84 15.35
N ASP A 449 -3.17 -18.87 16.64
CA ASP A 449 -3.67 -17.86 17.56
C ASP A 449 -2.61 -16.81 17.92
N LEU A 450 -1.66 -16.58 17.02
CA LEU A 450 -0.73 -15.45 17.14
C LEU A 450 -1.30 -14.17 16.56
N VAL A 451 -2.29 -13.59 17.23
CA VAL A 451 -2.95 -12.40 16.73
C VAL A 451 -2.19 -11.13 17.12
N GLN A 452 -1.70 -11.09 18.35
CA GLN A 452 -0.95 -9.93 18.84
C GLN A 452 0.46 -9.94 18.28
N PRO A 453 1.06 -8.74 18.11
CA PRO A 453 2.43 -8.68 17.60
C PRO A 453 3.38 -9.48 18.48
N THR A 454 4.04 -10.45 17.85
CA THR A 454 4.94 -11.32 18.58
C THR A 454 6.11 -11.75 17.70
N PHE A 455 7.30 -11.78 18.29
CA PHE A 455 8.48 -12.20 17.56
C PHE A 455 8.73 -13.71 17.73
N VAL A 456 8.73 -14.45 16.61
CA VAL A 456 9.13 -15.86 16.69
C VAL A 456 10.62 -15.96 16.35
N CYS A 457 11.42 -16.36 17.34
CA CYS A 457 12.86 -16.26 17.24
C CYS A 457 13.55 -17.62 17.28
N ASP A 458 14.84 -17.64 16.96
CA ASP A 458 15.67 -18.83 17.04
C ASP A 458 15.14 -19.99 16.19
N GLN A 459 15.02 -19.75 14.90
CA GLN A 459 14.69 -20.80 13.95
C GLN A 459 15.90 -21.69 13.74
N PRO A 460 15.68 -23.00 13.60
CA PRO A 460 16.79 -23.95 13.43
C PRO A 460 17.54 -23.76 12.12
N GLN A 461 18.77 -24.28 12.02
CA GLN A 461 19.50 -24.28 10.77
C GLN A 461 18.77 -25.10 9.72
N LEU A 462 17.92 -26.02 10.17
CA LEU A 462 17.06 -26.78 9.29
C LEU A 462 16.20 -25.82 8.48
N MET A 463 15.73 -24.77 9.15
CA MET A 463 14.83 -23.81 8.54
C MET A 463 15.61 -22.62 7.97
N SER A 464 16.82 -22.40 8.47
CA SER A 464 17.58 -21.20 8.14
C SER A 464 18.89 -21.52 7.44
N PRO A 465 18.88 -21.51 6.10
CA PRO A 465 20.08 -21.83 5.32
C PRO A 465 21.12 -20.71 5.37
N LEU A 466 20.68 -19.48 5.11
CA LEU A 466 21.61 -18.36 4.97
C LEU A 466 21.62 -17.47 6.21
N ALA A 467 21.54 -18.09 7.38
CA ALA A 467 21.57 -17.35 8.63
C ALA A 467 22.80 -17.71 9.47
N LYS A 468 23.04 -16.92 10.51
CA LYS A 468 24.18 -17.15 11.39
C LYS A 468 23.77 -17.96 12.62
N TYR A 469 24.58 -18.95 12.98
CA TYR A 469 24.28 -19.81 14.11
C TYR A 469 24.04 -19.03 15.40
N HIS A 470 23.22 -19.57 16.29
CA HIS A 470 22.96 -18.93 17.56
C HIS A 470 24.20 -18.98 18.45
N ARG A 471 24.44 -17.91 19.19
CA ARG A 471 25.69 -17.78 19.93
C ARG A 471 25.78 -18.70 21.15
N SER A 472 24.64 -19.18 21.61
CA SER A 472 24.60 -20.01 22.81
C SER A 472 24.05 -21.41 22.53
N GLU A 473 22.73 -21.52 22.49
CA GLU A 473 22.08 -22.83 22.35
C GLU A 473 22.18 -23.38 20.93
N PRO A 474 22.58 -24.66 20.82
CA PRO A 474 22.94 -25.30 19.55
C PRO A 474 21.74 -25.57 18.65
N GLU A 475 22.02 -25.80 17.38
CA GLU A 475 21.02 -26.11 16.37
C GLU A 475 19.99 -24.98 16.16
N LEU A 476 20.33 -23.79 16.60
CA LEU A 476 19.48 -22.62 16.38
C LEU A 476 20.23 -21.45 15.74
N THR A 477 19.50 -20.48 15.22
CA THR A 477 20.10 -19.32 14.58
C THR A 477 19.60 -18.02 15.18
N GLU A 478 20.30 -16.93 14.89
CA GLU A 478 19.94 -15.62 15.42
C GLU A 478 19.12 -14.82 14.42
N ARG A 479 17.80 -14.90 14.57
CA ARG A 479 16.86 -14.24 13.67
C ARG A 479 15.48 -14.21 14.30
N PHE A 480 14.56 -13.45 13.71
CA PHE A 480 13.18 -13.50 14.15
C PHE A 480 12.22 -13.14 13.03
N GLU A 481 10.98 -13.61 13.16
CA GLU A 481 9.91 -13.21 12.27
C GLU A 481 8.79 -12.58 13.10
N LEU A 482 8.47 -11.33 12.78
CA LEU A 482 7.39 -10.64 13.49
C LEU A 482 6.04 -11.04 12.92
N PHE A 483 5.28 -11.79 13.73
CA PHE A 483 3.93 -12.16 13.37
C PHE A 483 2.90 -11.21 13.99
N ILE A 484 2.03 -10.69 13.14
CA ILE A 484 0.83 -9.97 13.56
C ILE A 484 -0.35 -10.51 12.77
N LEU A 485 -1.48 -10.71 13.46
CA LEU A 485 -2.72 -11.14 12.82
C LEU A 485 -2.51 -12.30 11.87
N LYS A 486 -1.96 -13.40 12.37
CA LYS A 486 -1.75 -14.64 11.61
C LYS A 486 -0.61 -14.56 10.58
N ARG A 487 -0.17 -13.36 10.20
CA ARG A 487 0.79 -13.25 9.10
C ARG A 487 2.10 -12.60 9.50
N GLU A 488 3.13 -12.82 8.67
CA GLU A 488 4.45 -12.25 8.87
C GLU A 488 4.58 -10.85 8.26
N ILE A 489 4.90 -9.86 9.09
CA ILE A 489 4.99 -8.47 8.64
C ILE A 489 6.42 -8.02 8.35
N ALA A 490 7.32 -8.40 9.25
CA ALA A 490 8.73 -8.05 9.14
C ALA A 490 9.60 -9.19 9.61
N ASN A 491 10.91 -9.04 9.41
CA ASN A 491 11.86 -10.06 9.86
C ASN A 491 13.26 -9.48 9.95
N ALA A 492 14.13 -10.15 10.68
CA ALA A 492 15.48 -9.65 10.92
C ALA A 492 16.49 -10.76 11.16
N TYR A 493 17.76 -10.43 11.03
CA TYR A 493 18.83 -11.40 11.20
C TYR A 493 20.06 -10.77 11.83
N THR A 494 20.84 -11.58 12.53
CA THR A 494 22.23 -11.26 12.80
C THR A 494 23.00 -11.86 11.63
N GLU A 495 23.19 -11.05 10.59
CA GLU A 495 23.63 -11.52 9.28
C GLU A 495 24.88 -12.36 9.36
N LEU A 496 24.93 -13.39 8.52
CA LEU A 496 26.11 -14.24 8.39
C LEU A 496 27.24 -13.44 7.73
N ASN A 497 28.39 -13.36 8.39
CA ASN A 497 29.51 -12.57 7.89
C ASN A 497 30.76 -13.42 7.67
N ASN A 498 30.58 -14.74 7.74
CA ASN A 498 31.64 -15.70 7.43
C ASN A 498 31.69 -15.99 5.93
N PRO A 499 32.71 -15.46 5.23
CA PRO A 499 32.81 -15.57 3.76
C PRO A 499 32.94 -17.01 3.25
N ILE A 500 33.58 -17.87 4.02
CA ILE A 500 33.76 -19.26 3.61
C ILE A 500 32.44 -20.01 3.65
N VAL A 501 31.79 -19.91 4.80
CA VAL A 501 30.47 -20.48 5.00
C VAL A 501 29.47 -19.91 4.01
N GLN A 502 29.52 -18.61 3.79
CA GLN A 502 28.62 -17.97 2.83
C GLN A 502 28.85 -18.51 1.42
N ARG A 503 30.12 -18.75 1.10
CA ARG A 503 30.45 -19.32 -0.19
C ARG A 503 29.84 -20.70 -0.32
N SER A 504 30.13 -21.56 0.65
CA SER A 504 29.62 -22.92 0.67
C SER A 504 28.10 -22.95 0.51
N ASN A 505 27.42 -22.08 1.25
CA ASN A 505 25.97 -21.99 1.19
C ASN A 505 25.49 -21.54 -0.19
N PHE A 506 26.22 -20.62 -0.80
CA PHE A 506 25.82 -20.09 -2.11
C PHE A 506 25.96 -21.15 -3.18
N GLU A 507 27.08 -21.86 -3.16
CA GLU A 507 27.31 -22.94 -4.10
C GLU A 507 26.28 -24.05 -3.91
N GLN A 508 26.13 -24.53 -2.69
CA GLN A 508 25.17 -25.58 -2.33
C GLN A 508 23.76 -25.20 -2.76
N GLN A 509 23.46 -23.91 -2.66
CA GLN A 509 22.18 -23.37 -3.07
C GLN A 509 22.01 -23.47 -4.59
N ALA A 510 23.04 -23.05 -5.31
CA ALA A 510 23.04 -23.09 -6.77
C ALA A 510 22.89 -24.51 -7.29
N LYS A 511 23.51 -25.47 -6.59
CA LYS A 511 23.38 -26.87 -6.97
C LYS A 511 22.01 -27.39 -6.58
N ASP A 512 21.44 -26.83 -5.52
CA ASP A 512 20.12 -27.23 -5.06
C ASP A 512 19.03 -26.85 -6.05
N LYS A 513 19.13 -25.65 -6.63
CA LYS A 513 18.11 -25.23 -7.58
C LYS A 513 18.33 -25.77 -8.99
N ALA A 514 19.50 -26.34 -9.23
CA ALA A 514 19.82 -26.92 -10.53
C ALA A 514 19.02 -28.20 -10.77
N LEU A 522 25.05 -20.05 -12.17
CA LEU A 522 26.06 -19.03 -11.94
C LEU A 522 25.78 -18.28 -10.63
N VAL A 523 26.82 -18.13 -9.81
CA VAL A 523 26.68 -17.50 -8.49
C VAL A 523 27.24 -16.08 -8.49
N ASP A 524 26.87 -15.29 -7.49
CA ASP A 524 27.33 -13.90 -7.40
C ASP A 524 28.70 -13.79 -6.76
N GLU A 525 29.74 -13.96 -7.58
CA GLU A 525 31.12 -13.94 -7.09
C GLU A 525 31.53 -12.56 -6.60
N VAL A 526 30.92 -11.52 -7.16
CA VAL A 526 31.18 -10.16 -6.75
C VAL A 526 30.92 -9.99 -5.25
N PHE A 527 29.71 -10.38 -4.83
CA PHE A 527 29.31 -10.27 -3.44
C PHE A 527 30.18 -11.15 -2.53
N LEU A 528 30.56 -12.33 -3.02
CA LEU A 528 31.42 -13.21 -2.25
C LEU A 528 32.78 -12.56 -2.01
N ASP A 529 33.28 -11.87 -3.04
CA ASP A 529 34.55 -11.15 -2.92
C ASP A 529 34.42 -10.02 -1.90
N ALA A 530 33.33 -9.27 -2.03
CA ALA A 530 33.05 -8.15 -1.14
C ALA A 530 33.09 -8.59 0.30
N ILE A 531 32.39 -9.67 0.64
CA ILE A 531 32.36 -10.07 2.03
C ILE A 531 33.67 -10.74 2.42
N GLU A 532 34.41 -11.21 1.42
CA GLU A 532 35.74 -11.77 1.66
C GLU A 532 36.70 -10.66 2.08
N HIS A 533 36.35 -9.41 1.76
CA HIS A 533 37.12 -8.25 2.24
C HIS A 533 36.66 -7.77 3.63
N ALA A 534 36.26 -8.71 4.48
CA ALA A 534 35.79 -8.45 5.84
C ALA A 534 34.47 -7.65 5.91
N PHE A 535 33.37 -8.39 5.99
CA PHE A 535 32.05 -7.81 6.21
C PHE A 535 31.79 -7.74 7.72
N PRO A 536 31.67 -6.52 8.26
CA PRO A 536 31.47 -6.26 9.70
C PRO A 536 30.23 -6.96 10.24
N PRO A 537 30.22 -7.27 11.55
CA PRO A 537 29.00 -7.79 12.16
C PRO A 537 27.86 -6.81 11.95
N THR A 538 26.77 -7.28 11.36
CA THR A 538 25.71 -6.40 10.90
C THR A 538 24.34 -6.98 11.20
N GLY A 539 23.39 -6.10 11.54
CA GLY A 539 22.01 -6.49 11.72
C GLY A 539 21.17 -6.15 10.51
N GLY A 540 20.43 -7.13 10.01
CA GLY A 540 19.60 -6.93 8.84
C GLY A 540 18.13 -6.92 9.21
N TRP A 541 17.34 -6.11 8.49
CA TRP A 541 15.91 -6.01 8.73
C TRP A 541 15.16 -5.84 7.42
N GLY A 542 13.98 -6.44 7.34
CA GLY A 542 13.10 -6.30 6.21
C GLY A 542 11.65 -6.15 6.62
N LEU A 543 10.92 -5.26 5.95
CA LEU A 543 9.51 -5.00 6.24
C LEU A 543 8.67 -5.00 4.97
N GLY A 544 7.51 -5.66 5.05
CA GLY A 544 6.57 -5.66 3.94
C GLY A 544 5.71 -4.42 3.97
N ILE A 545 6.02 -3.46 3.10
CA ILE A 545 5.34 -2.16 3.11
C ILE A 545 3.87 -2.30 2.75
N ASP A 546 3.60 -2.98 1.63
CA ASP A 546 2.24 -3.23 1.20
C ASP A 546 1.42 -3.96 2.27
N ARG A 547 2.02 -4.98 2.90
CA ARG A 547 1.30 -5.78 3.90
C ARG A 547 1.14 -5.09 5.24
N LEU A 548 2.13 -4.30 5.64
CA LEU A 548 1.98 -3.47 6.84
C LEU A 548 0.86 -2.47 6.62
N ALA A 549 0.84 -1.89 5.43
CA ALA A 549 -0.22 -0.96 5.05
C ALA A 549 -1.59 -1.64 5.10
N MET A 550 -1.65 -2.86 4.57
CA MET A 550 -2.86 -3.66 4.64
C MET A 550 -3.34 -3.83 6.07
N LEU A 551 -2.43 -4.25 6.94
CA LEU A 551 -2.75 -4.55 8.33
C LEU A 551 -3.18 -3.32 9.11
N LEU A 552 -2.63 -2.16 8.75
CA LEU A 552 -2.96 -0.95 9.48
C LEU A 552 -4.18 -0.24 8.91
N ALA A 553 -4.56 -0.59 7.68
CA ALA A 553 -5.75 0.00 7.08
C ALA A 553 -6.95 -0.91 7.30
N ASP A 554 -6.72 -2.02 7.98
CA ASP A 554 -7.74 -3.01 8.29
C ASP A 554 -8.41 -3.55 7.02
N VAL A 555 -7.61 -3.84 6.01
CA VAL A 555 -8.11 -4.42 4.76
C VAL A 555 -7.51 -5.80 4.51
N ASP A 556 -8.23 -6.65 3.79
CA ASP A 556 -7.79 -8.01 3.55
C ASP A 556 -7.36 -8.24 2.11
N ASN A 557 -7.25 -7.16 1.34
CA ASN A 557 -6.83 -7.24 -0.05
C ASN A 557 -5.72 -6.23 -0.34
N ILE A 558 -4.61 -6.70 -0.92
CA ILE A 558 -3.43 -5.87 -1.15
C ILE A 558 -3.67 -4.81 -2.24
N LYS A 559 -4.68 -5.04 -3.07
CA LYS A 559 -5.03 -4.06 -4.09
C LYS A 559 -5.66 -2.83 -3.45
N GLU A 560 -6.02 -2.95 -2.18
CA GLU A 560 -6.63 -1.83 -1.45
C GLU A 560 -5.58 -0.83 -0.98
N VAL A 561 -4.32 -1.24 -0.98
CA VAL A 561 -3.23 -0.37 -0.57
C VAL A 561 -2.23 -0.15 -1.70
N ILE A 562 -2.58 -0.62 -2.90
CA ILE A 562 -1.82 -0.34 -4.11
C ILE A 562 -2.67 0.45 -5.10
N LEU A 563 -2.15 1.56 -5.61
CA LEU A 563 -2.94 2.44 -6.44
C LEU A 563 -3.37 1.78 -7.74
N PHE A 564 -2.42 1.24 -8.50
CA PHE A 564 -2.75 0.60 -9.77
C PHE A 564 -2.23 -0.84 -9.81
N PRO A 565 -2.92 -1.75 -9.10
CA PRO A 565 -2.49 -3.15 -9.02
C PRO A 565 -2.57 -3.86 -10.37
N THR A 566 -1.71 -4.85 -10.57
CA THR A 566 -1.60 -5.51 -11.88
C THR A 566 -2.88 -6.26 -12.24
N MET A 567 -3.54 -5.79 -13.30
CA MET A 567 -4.80 -6.37 -13.73
C MET A 567 -4.64 -7.17 -15.01
N ARG A 568 -5.24 -8.35 -15.04
CA ARG A 568 -5.32 -9.15 -16.26
C ARG A 568 -6.13 -8.40 -17.30
N PRO A 569 -5.50 -8.03 -18.42
CA PRO A 569 -6.18 -7.25 -19.45
C PRO A 569 -7.45 -7.94 -19.97
N GLU A 570 -8.58 -7.27 -19.81
CA GLU A 570 -9.87 -7.84 -20.20
C GLU A 570 -10.01 -7.90 -21.72
N ASP A 571 -10.53 -9.02 -22.22
CA ASP A 571 -10.86 -9.13 -23.63
C ASP A 571 -12.23 -8.49 -23.86
N GLU A 572 -12.75 -8.63 -25.07
CA GLU A 572 -13.97 -7.91 -25.43
C GLU A 572 -15.22 -8.51 -24.81
N LEU A 573 -15.10 -9.68 -24.18
CA LEU A 573 -16.22 -10.31 -23.49
C LEU A 573 -16.62 -9.53 -22.24
N GLU A 574 -15.73 -9.52 -21.24
CA GLU A 574 -15.99 -8.80 -20.00
C GLU A 574 -16.12 -7.30 -20.26
N LYS A 575 -15.46 -6.84 -21.32
CA LYS A 575 -15.56 -5.45 -21.77
C LYS A 575 -17.00 -5.12 -22.20
N LYS A 576 -17.49 -5.87 -23.17
CA LYS A 576 -18.86 -5.73 -23.66
C LYS A 576 -19.86 -5.83 -22.52
N ALA A 577 -19.69 -6.82 -21.65
CA ALA A 577 -20.60 -7.01 -20.51
C ALA A 577 -20.58 -5.79 -19.58
N ARG A 578 -19.38 -5.29 -19.32
CA ARG A 578 -19.16 -4.12 -18.47
C ARG A 578 -19.91 -2.91 -19.00
N GLU A 579 -19.69 -2.59 -20.27
CA GLU A 579 -20.35 -1.44 -20.89
C GLU A 579 -21.87 -1.65 -20.93
N ALA A 580 -22.29 -2.86 -21.25
CA ALA A 580 -23.71 -3.21 -21.29
C ALA A 580 -24.41 -2.91 -19.97
N LYS A 581 -23.79 -3.33 -18.87
CA LYS A 581 -24.32 -3.03 -17.54
C LYS A 581 -24.30 -1.52 -17.29
N GLU A 582 -23.23 -0.90 -17.77
CA GLU A 582 -23.05 0.55 -17.64
C GLU A 582 -24.22 1.30 -18.27
N ASP A 583 -24.81 0.73 -19.33
CA ASP A 583 -26.05 1.28 -19.85
C ASP A 583 -27.27 0.82 -19.09
N ALA A 584 -27.27 -0.42 -18.61
CA ALA A 584 -28.39 -0.92 -17.81
C ALA A 584 -28.72 0.08 -16.70
N MET A 585 -27.69 0.68 -16.12
CA MET A 585 -27.87 1.75 -15.15
C MET A 585 -28.63 2.95 -15.73
N VAL A 586 -28.13 3.48 -16.85
CA VAL A 586 -28.70 4.67 -17.46
C VAL A 586 -30.16 4.46 -17.92
N ALA A 587 -30.41 3.34 -18.58
CA ALA A 587 -31.76 2.96 -19.00
C ALA A 587 -32.66 2.74 -17.80
N GLN A 588 -32.06 2.30 -16.69
CA GLN A 588 -32.80 2.18 -15.43
C GLN A 588 -33.21 3.57 -14.94
N GLU A 589 -32.38 4.57 -15.23
CA GLU A 589 -32.74 5.95 -14.87
C GLU A 589 -33.82 6.55 -15.76
N LYS A 590 -33.58 6.55 -17.06
CA LYS A 590 -34.43 7.26 -18.01
C LYS A 590 -35.84 6.67 -18.16
N ALA A 591 -36.03 5.42 -17.75
CA ALA A 591 -37.34 4.81 -17.83
C ALA A 591 -38.11 4.94 -16.52
PG ATP B . 3.78 -15.66 1.65
O1G ATP B . 3.16 -14.51 0.91
O2G ATP B . 3.64 -15.56 3.16
O3G ATP B . 3.44 -17.02 1.09
PB ATP B . 6.05 -15.97 0.00
O1B ATP B . 6.62 -17.35 0.19
O2B ATP B . 5.08 -15.70 -1.14
O3B ATP B . 5.35 -15.49 1.38
PA ATP B . 8.40 -14.77 0.99
O1A ATP B . 8.06 -15.59 2.20
O2A ATP B . 9.77 -14.88 0.36
O3A ATP B . 7.26 -14.93 -0.14
O5' ATP B . 8.14 -13.22 1.35
C5' ATP B . 9.07 -12.38 2.03
C4' ATP B . 8.44 -10.99 2.14
O4' ATP B . 8.17 -10.47 0.83
C3' ATP B . 7.11 -11.03 2.88
O3' ATP B . 7.19 -10.22 4.06
C2' ATP B . 6.08 -10.42 1.96
O2' ATP B . 5.48 -9.33 2.66
C1' ATP B . 6.87 -9.90 0.77
N9 ATP B . 6.26 -10.31 -0.53
C8 ATP B . 6.69 -11.33 -1.30
N7 ATP B . 5.96 -11.45 -2.42
C5 ATP B . 5.03 -10.47 -2.40
C6 ATP B . 3.93 -10.03 -3.29
N6 ATP B . 3.68 -10.68 -4.45
N1 ATP B . 3.20 -8.98 -2.90
C2 ATP B . 3.44 -8.34 -1.74
N3 ATP B . 4.42 -8.67 -0.88
C4 ATP B . 5.24 -9.72 -1.15
#